data_1WPT
#
_entry.id   1WPT
#
_cell.length_a   95.410
_cell.length_b   95.410
_cell.length_c   95.410
_cell.angle_alpha   90.00
_cell.angle_beta   90.00
_cell.angle_gamma   90.00
#
_symmetry.space_group_name_H-M   'P 21 3'
#
loop_
_entity.id
_entity.type
_entity.pdbx_description
1 polymer 'Hut operon positive regulatory protein'
2 water water
#
_entity_poly.entity_id   1
_entity_poly.type   'polypeptide(L)'
_entity_poly.pdbx_seq_one_letter_code
;TLHKERRIGRLSVLLLLNEAEESTQVEELERDGWKVCLGKVGSMDAHKVIAAIETASKKSGVIQSEGYRESHALYHATME
ALHGVTRGEMLLGSLLRTVGLRFAVLRGNPYESEAEGDWIAVSLYGTIGAPIKGLEHETFGVGINHI
;
_entity_poly.pdbx_strand_id   A,B
#
# COMPACT_ATOMS: atom_id res chain seq x y z
N LYS A 4 16.65 13.15 7.03
CA LYS A 4 16.72 12.02 6.05
C LYS A 4 15.33 11.68 5.51
N GLU A 5 15.18 11.59 4.19
CA GLU A 5 13.88 11.27 3.61
C GLU A 5 13.87 10.29 2.42
N ARG A 6 14.60 9.18 2.56
CA ARG A 6 14.64 8.14 1.53
C ARG A 6 13.66 7.04 1.93
N ARG A 7 12.38 7.25 1.63
CA ARG A 7 11.31 6.32 1.96
C ARG A 7 11.31 5.13 1.00
N ILE A 8 12.08 4.10 1.32
CA ILE A 8 12.16 2.94 0.46
C ILE A 8 10.80 2.29 0.22
N GLY A 9 9.92 2.41 1.21
CA GLY A 9 8.60 1.82 1.08
C GLY A 9 7.74 2.63 0.14
N ARG A 10 7.65 3.93 0.42
CA ARG A 10 6.86 4.85 -0.39
C ARG A 10 7.30 4.67 -1.82
N LEU A 11 8.61 4.65 -2.01
CA LEU A 11 9.17 4.50 -3.33
C LEU A 11 8.66 3.24 -4.02
N SER A 12 8.86 2.09 -3.37
CA SER A 12 8.44 0.83 -3.97
C SER A 12 6.96 0.81 -4.39
N VAL A 13 6.11 1.44 -3.59
CA VAL A 13 4.71 1.46 -3.94
C VAL A 13 4.45 2.39 -5.15
N LEU A 14 5.12 3.54 -5.16
CA LEU A 14 4.93 4.47 -6.28
C LEU A 14 5.41 3.86 -7.57
N LEU A 15 6.46 3.04 -7.51
CA LEU A 15 7.00 2.39 -8.71
C LEU A 15 5.98 1.38 -9.20
N LEU A 16 5.33 0.74 -8.24
CA LEU A 16 4.34 -0.28 -8.50
C LEU A 16 3.07 0.26 -9.18
N LEU A 17 2.67 1.48 -8.83
CA LEU A 17 1.45 2.07 -9.39
C LEU A 17 1.68 2.93 -10.63
N ASN A 18 2.82 3.62 -10.64
CA ASN A 18 3.19 4.48 -11.75
C ASN A 18 3.65 3.62 -12.92
N GLU A 19 2.68 3.12 -13.68
CA GLU A 19 2.98 2.28 -14.84
C GLU A 19 3.14 3.18 -16.05
N ALA A 20 2.97 4.48 -15.81
CA ALA A 20 3.10 5.43 -16.88
C ALA A 20 4.39 5.18 -17.63
N GLU A 21 5.52 5.40 -16.96
CA GLU A 21 6.83 5.20 -17.54
C GLU A 21 7.80 4.56 -16.56
N GLU A 22 7.47 3.35 -16.12
CA GLU A 22 8.29 2.60 -15.18
C GLU A 22 9.68 2.37 -15.76
N SER A 23 9.77 2.31 -17.08
CA SER A 23 11.05 2.09 -17.76
C SER A 23 12.03 3.18 -17.35
N THR A 24 11.54 4.41 -17.28
CA THR A 24 12.37 5.54 -16.88
C THR A 24 12.56 5.61 -15.38
N GLN A 25 11.55 5.22 -14.63
CA GLN A 25 11.66 5.24 -13.18
C GLN A 25 12.75 4.31 -12.65
N VAL A 26 12.76 3.08 -13.14
CA VAL A 26 13.75 2.10 -12.69
C VAL A 26 15.19 2.59 -12.82
N GLU A 27 15.47 3.30 -13.90
CA GLU A 27 16.82 3.82 -14.10
C GLU A 27 17.06 4.99 -13.17
N GLU A 28 16.09 5.91 -13.13
CA GLU A 28 16.19 7.07 -12.27
C GLU A 28 16.61 6.58 -10.88
N LEU A 29 15.91 5.56 -10.38
CA LEU A 29 16.18 4.99 -9.07
C LEU A 29 17.44 4.13 -9.05
N GLU A 30 17.71 3.45 -10.16
CA GLU A 30 18.87 2.57 -10.25
C GLU A 30 20.16 3.36 -10.01
N ARG A 31 20.25 4.52 -10.64
CA ARG A 31 21.42 5.39 -10.52
C ARG A 31 21.51 6.05 -9.15
N ASP A 32 20.40 6.05 -8.41
CA ASP A 32 20.40 6.66 -7.08
C ASP A 32 20.58 5.63 -5.97
N GLY A 33 21.56 4.74 -6.17
CA GLY A 33 21.87 3.70 -5.20
C GLY A 33 20.74 2.74 -4.85
N TRP A 34 20.00 2.30 -5.84
CA TRP A 34 18.90 1.38 -5.61
C TRP A 34 18.97 0.16 -6.52
N LYS A 35 18.53 -0.97 -6.01
CA LYS A 35 18.50 -2.19 -6.80
C LYS A 35 17.00 -2.45 -7.01
N VAL A 36 16.54 -2.24 -8.24
CA VAL A 36 15.14 -2.38 -8.59
C VAL A 36 14.75 -3.66 -9.32
N CYS A 37 13.49 -4.05 -9.14
CA CYS A 37 12.97 -5.24 -9.76
C CYS A 37 11.44 -5.21 -9.79
N LEU A 38 10.87 -5.31 -11.00
CA LEU A 38 9.43 -5.30 -11.21
C LEU A 38 9.03 -6.66 -11.79
N GLY A 39 7.88 -7.17 -11.41
CA GLY A 39 7.47 -8.46 -11.94
C GLY A 39 5.99 -8.63 -11.80
N LYS A 40 5.47 -9.71 -12.36
CA LYS A 40 4.05 -9.98 -12.28
C LYS A 40 3.82 -11.48 -12.12
N VAL A 41 2.88 -11.83 -11.23
CA VAL A 41 2.55 -13.24 -11.00
C VAL A 41 1.05 -13.42 -11.08
N GLY A 42 0.62 -14.50 -11.71
CA GLY A 42 -0.81 -14.76 -11.86
C GLY A 42 -1.39 -15.60 -10.77
N SER A 43 -0.87 -15.42 -9.55
CA SER A 43 -1.31 -16.16 -8.38
C SER A 43 -1.04 -15.37 -7.10
N MET A 44 -1.70 -15.73 -6.02
CA MET A 44 -1.51 -15.10 -4.71
C MET A 44 -1.18 -16.17 -3.68
N ASP A 45 -0.72 -17.31 -4.17
CA ASP A 45 -0.31 -18.42 -3.33
C ASP A 45 1.10 -18.06 -2.84
N ALA A 46 1.30 -18.06 -1.53
CA ALA A 46 2.59 -17.71 -0.95
C ALA A 46 3.81 -18.28 -1.68
N HIS A 47 3.87 -19.60 -1.79
CA HIS A 47 5.01 -20.26 -2.43
C HIS A 47 5.34 -19.76 -3.84
N LYS A 48 4.31 -19.61 -4.66
CA LYS A 48 4.52 -19.16 -6.03
C LYS A 48 5.08 -17.76 -6.07
N VAL A 49 4.48 -16.87 -5.27
CA VAL A 49 4.91 -15.48 -5.23
C VAL A 49 6.38 -15.37 -4.83
N ILE A 50 6.77 -16.12 -3.81
CA ILE A 50 8.13 -16.11 -3.33
C ILE A 50 9.10 -16.61 -4.39
N ALA A 51 8.77 -17.74 -5.01
CA ALA A 51 9.60 -18.30 -6.07
C ALA A 51 9.77 -17.29 -7.19
N ALA A 52 8.68 -16.67 -7.62
CA ALA A 52 8.74 -15.68 -8.71
C ALA A 52 9.57 -14.47 -8.32
N ILE A 53 9.33 -13.96 -7.12
CA ILE A 53 10.07 -12.81 -6.66
C ILE A 53 11.54 -13.12 -6.49
N GLU A 54 11.85 -14.24 -5.83
CA GLU A 54 13.22 -14.63 -5.63
C GLU A 54 13.96 -14.68 -6.97
N THR A 55 13.43 -15.50 -7.89
CA THR A 55 14.03 -15.64 -9.22
C THR A 55 14.26 -14.28 -9.87
N ALA A 56 13.18 -13.52 -10.05
CA ALA A 56 13.29 -12.20 -10.65
C ALA A 56 14.19 -11.27 -9.83
N SER A 57 14.46 -11.62 -8.58
CA SER A 57 15.31 -10.79 -7.73
C SER A 57 16.79 -11.06 -7.95
N LYS A 58 17.13 -12.33 -8.08
CA LYS A 58 18.51 -12.72 -8.31
C LYS A 58 18.92 -12.36 -9.73
N LYS A 59 18.05 -12.69 -10.69
CA LYS A 59 18.32 -12.42 -12.09
C LYS A 59 18.41 -10.94 -12.40
N SER A 60 18.10 -10.11 -11.41
CA SER A 60 18.16 -8.67 -11.60
C SER A 60 19.27 -8.03 -10.75
N GLY A 61 20.01 -8.87 -10.02
CA GLY A 61 21.07 -8.38 -9.18
C GLY A 61 20.59 -7.71 -7.91
N VAL A 62 19.28 -7.75 -7.66
CA VAL A 62 18.71 -7.13 -6.47
C VAL A 62 19.12 -7.91 -5.22
N ILE A 63 19.43 -9.19 -5.42
CA ILE A 63 19.87 -10.10 -4.36
C ILE A 63 20.81 -11.10 -5.03
N GLN A 64 21.90 -11.48 -4.37
CA GLN A 64 22.81 -12.46 -4.97
C GLN A 64 22.27 -13.87 -4.78
N SER A 65 22.47 -14.66 -5.82
CA SER A 65 22.03 -16.05 -5.95
C SER A 65 22.05 -16.97 -4.73
N GLU A 66 23.14 -16.91 -3.95
CA GLU A 66 23.21 -17.73 -2.75
C GLU A 66 23.44 -16.83 -1.53
N GLY A 67 22.98 -17.28 -0.37
CA GLY A 67 23.13 -16.52 0.84
C GLY A 67 21.81 -16.52 1.57
N TYR A 68 21.82 -17.10 2.77
CA TYR A 68 20.61 -17.17 3.59
C TYR A 68 20.13 -15.76 4.00
N ARG A 69 21.09 -14.96 4.44
CA ARG A 69 20.82 -13.61 4.90
C ARG A 69 19.88 -12.76 4.04
N GLU A 70 20.23 -12.60 2.78
CA GLU A 70 19.44 -11.81 1.86
C GLU A 70 18.12 -12.51 1.52
N SER A 71 18.17 -13.82 1.32
CA SER A 71 16.96 -14.53 1.02
C SER A 71 15.98 -14.34 2.19
N HIS A 72 16.49 -14.47 3.40
CA HIS A 72 15.64 -14.32 4.56
C HIS A 72 14.99 -12.94 4.58
N ALA A 73 15.70 -11.90 4.18
CA ALA A 73 15.10 -10.56 4.22
C ALA A 73 13.97 -10.39 3.17
N LEU A 74 14.25 -10.80 1.94
CA LEU A 74 13.29 -10.72 0.85
C LEU A 74 12.04 -11.52 1.20
N TYR A 75 12.30 -12.73 1.70
CA TYR A 75 11.24 -13.65 2.11
C TYR A 75 10.31 -13.03 3.13
N HIS A 76 10.89 -12.42 4.16
CA HIS A 76 10.12 -11.79 5.24
C HIS A 76 9.36 -10.55 4.75
N ALA A 77 10.02 -9.71 3.96
CA ALA A 77 9.35 -8.50 3.47
C ALA A 77 8.22 -8.96 2.57
N THR A 78 8.49 -9.98 1.78
CA THR A 78 7.48 -10.51 0.89
C THR A 78 6.28 -11.01 1.70
N MET A 79 6.56 -11.82 2.72
CA MET A 79 5.51 -12.37 3.58
C MET A 79 4.68 -11.28 4.24
N GLU A 80 5.33 -10.20 4.61
CA GLU A 80 4.69 -9.08 5.26
C GLU A 80 3.70 -8.46 4.28
N ALA A 81 4.17 -8.22 3.05
CA ALA A 81 3.32 -7.63 2.03
C ALA A 81 2.17 -8.57 1.61
N LEU A 82 2.39 -9.88 1.67
CA LEU A 82 1.34 -10.82 1.29
C LEU A 82 0.16 -10.76 2.25
N HIS A 83 0.45 -10.42 3.50
CA HIS A 83 -0.63 -10.35 4.48
C HIS A 83 -1.57 -9.21 4.13
N GLY A 84 -1.03 -8.19 3.47
CA GLY A 84 -1.84 -7.07 3.04
C GLY A 84 -2.63 -7.44 1.78
N VAL A 85 -1.95 -7.99 0.77
CA VAL A 85 -2.64 -8.35 -0.46
C VAL A 85 -3.67 -9.45 -0.32
N THR A 86 -3.54 -10.31 0.68
CA THR A 86 -4.52 -11.40 0.83
C THR A 86 -5.56 -11.01 1.88
N ARG A 87 -5.55 -9.73 2.23
CA ARG A 87 -6.48 -9.21 3.21
C ARG A 87 -6.46 -9.97 4.54
N GLY A 88 -5.27 -10.13 5.10
CA GLY A 88 -5.11 -10.81 6.37
C GLY A 88 -5.40 -12.31 6.37
N GLU A 89 -5.60 -12.90 5.19
CA GLU A 89 -5.90 -14.32 5.08
C GLU A 89 -4.99 -15.07 4.13
N MET A 90 -3.75 -15.27 4.56
CA MET A 90 -2.76 -15.95 3.74
C MET A 90 -3.34 -17.13 2.98
N LEU A 91 -3.79 -18.12 3.73
CA LEU A 91 -4.35 -19.36 3.21
C LEU A 91 -5.31 -19.13 2.05
N LEU A 92 -6.21 -18.16 2.18
CA LEU A 92 -7.18 -17.87 1.13
C LEU A 92 -6.60 -17.31 -0.17
N GLY A 93 -5.45 -16.65 -0.08
CA GLY A 93 -4.84 -16.10 -1.27
C GLY A 93 -4.54 -17.23 -2.23
N SER A 94 -4.21 -18.39 -1.66
CA SER A 94 -3.91 -19.57 -2.46
C SER A 94 -5.16 -19.95 -3.25
N LEU A 95 -6.29 -19.98 -2.55
CA LEU A 95 -7.56 -20.34 -3.15
C LEU A 95 -8.02 -19.35 -4.20
N LEU A 96 -7.51 -18.12 -4.11
CA LEU A 96 -7.87 -17.06 -5.06
C LEU A 96 -7.52 -17.38 -6.50
N ARG A 97 -8.57 -17.54 -7.32
CA ARG A 97 -8.43 -17.83 -8.74
C ARG A 97 -8.64 -16.53 -9.54
N THR A 98 -8.14 -16.52 -10.78
CA THR A 98 -8.26 -15.35 -11.65
C THR A 98 -7.79 -14.09 -10.92
N VAL A 99 -6.49 -14.05 -10.60
CA VAL A 99 -5.91 -12.91 -9.87
C VAL A 99 -4.50 -12.50 -10.28
N GLY A 100 -4.33 -11.23 -10.61
CA GLY A 100 -3.02 -10.75 -11.00
C GLY A 100 -2.27 -10.11 -9.83
N LEU A 101 -0.96 -10.31 -9.79
CA LEU A 101 -0.12 -9.74 -8.74
C LEU A 101 1.08 -9.07 -9.37
N ARG A 102 1.19 -7.76 -9.16
CA ARG A 102 2.33 -7.03 -9.66
C ARG A 102 3.22 -6.79 -8.44
N PHE A 103 4.52 -6.96 -8.61
CA PHE A 103 5.43 -6.75 -7.50
C PHE A 103 6.60 -5.81 -7.82
N ALA A 104 7.13 -5.18 -6.78
CA ALA A 104 8.29 -4.31 -6.90
C ALA A 104 9.19 -4.69 -5.75
N VAL A 105 10.47 -4.44 -5.89
CA VAL A 105 11.43 -4.77 -4.84
C VAL A 105 12.55 -3.76 -4.95
N LEU A 106 12.81 -3.06 -3.86
CA LEU A 106 13.88 -2.08 -3.80
C LEU A 106 14.88 -2.47 -2.73
N ARG A 107 16.16 -2.23 -3.00
CA ARG A 107 17.23 -2.54 -2.05
C ARG A 107 18.31 -1.47 -2.06
N GLY A 108 18.64 -0.93 -0.89
CA GLY A 108 19.64 0.10 -0.79
C GLY A 108 19.63 0.77 0.58
N ASN A 109 20.27 1.92 0.69
CA ASN A 109 20.35 2.64 1.97
C ASN A 109 19.15 3.56 2.20
N PRO A 110 18.41 3.35 3.31
CA PRO A 110 17.25 4.18 3.66
C PRO A 110 17.62 5.57 4.15
N TYR A 111 18.91 5.88 4.11
CA TYR A 111 19.39 7.18 4.57
C TYR A 111 20.77 7.59 4.04
N GLU A 112 21.18 8.81 4.37
CA GLU A 112 22.45 9.39 3.93
C GLU A 112 23.71 8.82 4.59
N SER A 113 23.55 8.06 5.67
CA SER A 113 24.70 7.46 6.34
C SER A 113 25.27 6.42 5.39
N GLU A 114 26.49 6.65 4.90
CA GLU A 114 27.13 5.72 3.98
C GLU A 114 27.28 4.34 4.61
N ALA A 115 27.17 4.29 5.94
CA ALA A 115 27.29 3.05 6.70
C ALA A 115 26.31 2.00 6.21
N GLU A 116 26.62 0.73 6.44
CA GLU A 116 25.69 -0.30 5.99
C GLU A 116 24.30 -0.20 6.63
N GLY A 117 23.42 0.51 5.94
CA GLY A 117 22.05 0.65 6.36
C GLY A 117 21.52 0.11 5.06
N ASP A 118 21.35 -1.21 4.98
CA ASP A 118 20.87 -1.81 3.75
C ASP A 118 19.54 -2.50 3.96
N TRP A 119 18.49 -1.94 3.37
CA TRP A 119 17.16 -2.50 3.50
C TRP A 119 16.54 -2.92 2.17
N ILE A 120 15.47 -3.68 2.29
CA ILE A 120 14.76 -4.14 1.12
C ILE A 120 13.26 -3.93 1.36
N ALA A 121 12.56 -3.58 0.30
CA ALA A 121 11.12 -3.36 0.35
C ALA A 121 10.46 -4.11 -0.80
N VAL A 122 9.36 -4.78 -0.46
CA VAL A 122 8.62 -5.54 -1.45
C VAL A 122 7.24 -4.95 -1.44
N SER A 123 6.87 -4.34 -2.55
CA SER A 123 5.54 -3.76 -2.64
C SER A 123 4.78 -4.67 -3.60
N LEU A 124 3.52 -4.94 -3.27
CA LEU A 124 2.66 -5.81 -4.06
C LEU A 124 1.31 -5.17 -4.37
N TYR A 125 0.87 -5.31 -5.62
CA TYR A 125 -0.41 -4.77 -6.03
C TYR A 125 -1.21 -5.90 -6.62
N GLY A 126 -2.35 -6.17 -6.01
CA GLY A 126 -3.19 -7.25 -6.47
C GLY A 126 -4.48 -6.82 -7.11
N THR A 127 -4.82 -7.54 -8.18
CA THR A 127 -6.05 -7.31 -8.94
C THR A 127 -6.79 -8.63 -8.92
N ILE A 128 -7.94 -8.67 -8.24
CA ILE A 128 -8.73 -9.89 -8.14
C ILE A 128 -9.93 -9.80 -9.04
N GLY A 129 -9.88 -10.44 -10.19
CA GLY A 129 -11.00 -10.37 -11.11
C GLY A 129 -11.71 -11.68 -11.41
N ALA A 130 -12.77 -11.59 -12.21
CA ALA A 130 -13.57 -12.75 -12.59
C ALA A 130 -13.78 -12.75 -14.10
N PRO A 131 -14.17 -13.91 -14.67
CA PRO A 131 -14.40 -14.06 -16.11
C PRO A 131 -15.43 -13.14 -16.76
N ILE A 132 -16.36 -12.66 -15.94
CA ILE A 132 -17.42 -11.78 -16.42
C ILE A 132 -16.99 -10.34 -16.72
N LYS A 133 -16.74 -9.57 -15.66
CA LYS A 133 -16.37 -8.16 -15.76
C LYS A 133 -14.90 -7.93 -15.93
N GLY A 134 -14.16 -8.17 -14.87
CA GLY A 134 -12.73 -7.96 -14.94
C GLY A 134 -12.18 -7.61 -13.58
N LEU A 135 -12.37 -6.40 -13.06
CA LEU A 135 -11.86 -6.08 -11.74
C LEU A 135 -13.04 -6.04 -10.78
N GLU A 136 -12.85 -6.71 -9.65
CA GLU A 136 -13.86 -6.73 -8.63
C GLU A 136 -13.31 -6.21 -7.31
N HIS A 137 -12.01 -6.32 -7.11
CA HIS A 137 -11.40 -5.84 -5.88
C HIS A 137 -9.89 -5.77 -6.03
N GLU A 138 -9.32 -4.72 -5.45
CA GLU A 138 -7.88 -4.45 -5.47
C GLU A 138 -7.31 -4.62 -4.07
N THR A 139 -6.05 -5.04 -3.99
CA THR A 139 -5.36 -5.22 -2.70
C THR A 139 -3.90 -4.78 -2.72
N PHE A 140 -3.44 -4.27 -1.58
CA PHE A 140 -2.08 -3.77 -1.46
C PHE A 140 -1.35 -4.37 -0.27
N GLY A 141 -0.02 -4.48 -0.41
CA GLY A 141 0.80 -4.99 0.66
C GLY A 141 2.21 -4.43 0.59
N VAL A 142 2.83 -4.18 1.75
CA VAL A 142 4.20 -3.68 1.79
C VAL A 142 4.98 -4.33 2.93
N GLY A 143 6.21 -4.74 2.62
CA GLY A 143 7.10 -5.33 3.60
C GLY A 143 8.44 -4.63 3.52
N ILE A 144 9.02 -4.32 4.67
CA ILE A 144 10.32 -3.65 4.69
C ILE A 144 11.20 -4.29 5.74
N ASN A 145 12.33 -4.81 5.31
CA ASN A 145 13.25 -5.45 6.24
C ASN A 145 14.66 -4.97 5.99
N HIS A 146 15.49 -4.99 7.04
CA HIS A 146 16.88 -4.61 6.90
C HIS A 146 17.56 -5.91 6.51
N ILE A 147 18.67 -5.85 5.77
CA ILE A 147 19.37 -7.07 5.36
C ILE A 147 20.49 -7.35 6.36
N LYS B 4 -6.39 5.49 -19.16
CA LYS B 4 -7.08 5.96 -17.93
C LYS B 4 -7.96 4.85 -17.35
N GLU B 5 -7.67 4.46 -16.11
CA GLU B 5 -8.44 3.42 -15.44
C GLU B 5 -9.23 4.03 -14.28
N ARG B 6 -10.33 3.37 -13.89
CA ARG B 6 -11.15 3.87 -12.79
C ARG B 6 -10.97 3.02 -11.55
N ARG B 7 -9.71 2.81 -11.18
CA ARG B 7 -9.38 2.02 -10.00
C ARG B 7 -9.30 2.93 -8.79
N ILE B 8 -10.33 2.87 -7.96
CA ILE B 8 -10.42 3.69 -6.78
C ILE B 8 -9.27 3.43 -5.81
N GLY B 9 -8.86 2.17 -5.71
CA GLY B 9 -7.77 1.84 -4.79
C GLY B 9 -6.47 2.48 -5.22
N ARG B 10 -6.08 2.16 -6.44
CA ARG B 10 -4.86 2.70 -7.03
C ARG B 10 -4.83 4.22 -6.88
N LEU B 11 -5.97 4.85 -7.21
CA LEU B 11 -6.10 6.30 -7.10
C LEU B 11 -5.89 6.71 -5.65
N SER B 12 -6.54 6.01 -4.73
CA SER B 12 -6.39 6.33 -3.30
C SER B 12 -4.94 6.44 -2.89
N VAL B 13 -4.18 5.40 -3.17
CA VAL B 13 -2.76 5.35 -2.79
C VAL B 13 -1.94 6.43 -3.51
N LEU B 14 -2.21 6.64 -4.79
CA LEU B 14 -1.47 7.67 -5.50
C LEU B 14 -1.76 9.04 -4.85
N LEU B 15 -3.02 9.28 -4.51
CA LEU B 15 -3.36 10.55 -3.90
C LEU B 15 -2.64 10.68 -2.57
N LEU B 16 -2.69 9.59 -1.79
CA LEU B 16 -2.04 9.54 -0.49
C LEU B 16 -0.53 9.73 -0.59
N LEU B 17 0.10 8.99 -1.50
CA LEU B 17 1.55 9.01 -1.64
C LEU B 17 2.20 10.18 -2.35
N ASN B 18 1.38 11.03 -2.96
CA ASN B 18 1.90 12.21 -3.65
C ASN B 18 1.32 13.41 -2.95
N GLU B 19 2.17 14.04 -2.16
CA GLU B 19 1.89 15.22 -1.35
C GLU B 19 2.00 16.46 -2.26
N ALA B 20 2.85 16.38 -3.28
CA ALA B 20 3.03 17.48 -4.22
C ALA B 20 1.74 17.80 -4.98
N GLU B 21 1.35 19.06 -4.94
CA GLU B 21 0.14 19.52 -5.62
C GLU B 21 -1.06 18.60 -5.46
N GLU B 22 -1.39 18.27 -4.21
CA GLU B 22 -2.54 17.42 -3.95
C GLU B 22 -3.76 18.16 -4.49
N SER B 23 -3.66 19.49 -4.52
CA SER B 23 -4.72 20.37 -5.00
C SER B 23 -5.16 20.02 -6.41
N THR B 24 -4.19 19.92 -7.33
CA THR B 24 -4.50 19.57 -8.71
C THR B 24 -4.93 18.12 -8.82
N GLN B 25 -4.26 17.25 -8.08
CA GLN B 25 -4.59 15.84 -8.11
C GLN B 25 -6.04 15.70 -7.65
N VAL B 26 -6.39 16.41 -6.59
CA VAL B 26 -7.76 16.36 -6.09
C VAL B 26 -8.75 16.97 -7.08
N GLU B 27 -8.35 18.07 -7.71
CA GLU B 27 -9.23 18.73 -8.68
C GLU B 27 -9.64 17.75 -9.79
N GLU B 28 -8.65 17.07 -10.37
CA GLU B 28 -8.92 16.12 -11.44
C GLU B 28 -9.81 14.96 -10.99
N LEU B 29 -9.63 14.53 -9.74
CA LEU B 29 -10.42 13.44 -9.17
C LEU B 29 -11.86 13.87 -8.94
N GLU B 30 -12.04 15.10 -8.46
CA GLU B 30 -13.39 15.62 -8.21
C GLU B 30 -14.08 15.86 -9.54
N ARG B 31 -13.28 16.28 -10.50
CA ARG B 31 -13.74 16.60 -11.84
C ARG B 31 -14.11 15.32 -12.59
N ASP B 32 -13.60 14.20 -12.10
CA ASP B 32 -13.86 12.91 -12.73
C ASP B 32 -14.84 12.05 -11.93
N GLY B 33 -15.83 12.70 -11.33
CA GLY B 33 -16.82 11.98 -10.56
C GLY B 33 -16.32 11.21 -9.34
N TRP B 34 -15.41 11.79 -8.58
CA TRP B 34 -14.92 11.14 -7.36
C TRP B 34 -15.13 12.13 -6.21
N LYS B 35 -15.38 11.61 -5.03
CA LYS B 35 -15.52 12.44 -3.86
C LYS B 35 -14.19 12.19 -3.17
N VAL B 36 -13.52 13.26 -2.73
CA VAL B 36 -12.23 13.13 -2.09
C VAL B 36 -12.22 13.59 -0.64
N CYS B 37 -11.10 13.35 0.03
CA CYS B 37 -10.94 13.71 1.43
C CYS B 37 -9.58 13.32 1.95
N LEU B 38 -8.77 14.31 2.32
CA LEU B 38 -7.44 14.06 2.86
C LEU B 38 -7.39 14.50 4.30
N GLY B 39 -6.34 14.09 5.02
CA GLY B 39 -6.23 14.46 6.40
C GLY B 39 -4.96 13.94 7.02
N LYS B 40 -4.97 13.81 8.33
CA LYS B 40 -3.80 13.34 9.06
C LYS B 40 -4.21 13.11 10.52
N VAL B 41 -3.53 12.17 11.19
CA VAL B 41 -3.84 11.87 12.59
C VAL B 41 -2.58 11.41 13.32
N GLY B 42 -2.42 11.90 14.55
CA GLY B 42 -1.24 11.57 15.34
C GLY B 42 -1.41 10.34 16.21
N SER B 43 -2.54 9.64 16.05
CA SER B 43 -2.80 8.43 16.82
C SER B 43 -2.98 7.25 15.88
N MET B 44 -2.63 6.07 16.36
CA MET B 44 -2.76 4.86 15.55
C MET B 44 -3.86 4.04 16.22
N ASP B 45 -4.36 4.58 17.33
CA ASP B 45 -5.42 3.98 18.09
C ASP B 45 -6.67 3.89 17.18
N ALA B 46 -7.22 2.70 17.08
CA ALA B 46 -8.41 2.50 16.25
C ALA B 46 -9.38 3.63 16.49
N HIS B 47 -9.99 3.62 17.68
CA HIS B 47 -10.96 4.62 18.10
C HIS B 47 -10.61 6.02 17.60
N LYS B 48 -9.37 6.43 17.81
CA LYS B 48 -8.93 7.75 17.39
C LYS B 48 -8.91 7.91 15.86
N VAL B 49 -8.30 6.96 15.16
CA VAL B 49 -8.24 7.03 13.71
C VAL B 49 -9.63 7.05 13.05
N ILE B 50 -10.50 6.11 13.44
CA ILE B 50 -11.83 6.04 12.87
C ILE B 50 -12.67 7.29 13.12
N ALA B 51 -12.51 7.89 14.29
CA ALA B 51 -13.27 9.10 14.58
C ALA B 51 -12.82 10.19 13.61
N ALA B 52 -11.52 10.46 13.62
CA ALA B 52 -10.94 11.47 12.75
C ALA B 52 -11.38 11.31 11.30
N ILE B 53 -11.20 10.11 10.76
CA ILE B 53 -11.57 9.83 9.39
C ILE B 53 -13.07 10.04 9.15
N GLU B 54 -13.90 9.39 9.95
CA GLU B 54 -15.34 9.52 9.83
C GLU B 54 -15.79 10.98 9.82
N THR B 55 -15.18 11.76 10.72
CA THR B 55 -15.51 13.18 10.84
C THR B 55 -15.04 14.00 9.64
N ALA B 56 -13.77 13.85 9.30
CA ALA B 56 -13.23 14.57 8.15
C ALA B 56 -13.92 14.20 6.84
N SER B 57 -14.47 12.99 6.77
CA SER B 57 -15.15 12.53 5.54
C SER B 57 -16.58 13.05 5.42
N LYS B 58 -17.27 13.13 6.54
CA LYS B 58 -18.64 13.64 6.55
C LYS B 58 -18.64 15.14 6.23
N LYS B 59 -17.70 15.88 6.82
CA LYS B 59 -17.63 17.31 6.58
C LYS B 59 -17.66 17.62 5.09
N SER B 60 -16.93 16.82 4.32
CA SER B 60 -16.92 17.01 2.87
C SER B 60 -18.03 16.14 2.30
N GLY B 61 -18.06 15.98 0.99
CA GLY B 61 -19.10 15.17 0.40
C GLY B 61 -18.70 13.72 0.17
N VAL B 62 -18.01 13.14 1.14
CA VAL B 62 -17.57 11.75 1.02
C VAL B 62 -18.74 10.84 1.35
N ILE B 63 -19.17 10.85 2.60
CA ILE B 63 -20.30 10.06 3.03
C ILE B 63 -21.32 11.05 3.54
N GLN B 64 -22.58 10.65 3.59
CA GLN B 64 -23.62 11.53 4.08
C GLN B 64 -23.83 11.35 5.57
N SER B 65 -23.65 12.42 6.32
CA SER B 65 -23.85 12.37 7.76
C SER B 65 -25.35 12.24 7.97
N GLU B 66 -25.81 11.00 8.10
CA GLU B 66 -27.23 10.75 8.29
C GLU B 66 -27.52 9.32 8.70
N GLY B 67 -27.09 8.37 7.89
CA GLY B 67 -27.34 6.97 8.20
C GLY B 67 -26.08 6.15 8.42
N TYR B 68 -26.20 5.11 9.24
CA TYR B 68 -25.06 4.24 9.55
C TYR B 68 -24.61 3.43 8.33
N ARG B 69 -25.43 3.38 7.29
CA ARG B 69 -25.06 2.62 6.11
C ARG B 69 -23.72 3.06 5.53
N GLU B 70 -23.64 4.33 5.15
CA GLU B 70 -22.41 4.89 4.60
C GLU B 70 -21.34 4.97 5.68
N SER B 71 -21.78 5.27 6.90
CA SER B 71 -20.88 5.38 8.04
C SER B 71 -20.20 4.05 8.31
N HIS B 72 -20.98 2.97 8.39
CA HIS B 72 -20.43 1.64 8.64
C HIS B 72 -19.49 1.22 7.52
N ALA B 73 -19.88 1.53 6.29
CA ALA B 73 -19.07 1.17 5.14
C ALA B 73 -17.71 1.83 5.29
N LEU B 74 -17.69 3.04 5.83
CA LEU B 74 -16.43 3.76 6.01
C LEU B 74 -15.62 3.09 7.10
N TYR B 75 -16.30 2.67 8.16
CA TYR B 75 -15.65 2.02 9.29
C TYR B 75 -14.84 0.77 8.87
N HIS B 76 -15.50 -0.14 8.16
CA HIS B 76 -14.87 -1.39 7.71
C HIS B 76 -13.69 -1.17 6.78
N ALA B 77 -13.80 -0.17 5.92
CA ALA B 77 -12.74 0.13 4.98
C ALA B 77 -11.53 0.67 5.76
N THR B 78 -11.82 1.47 6.79
CA THR B 78 -10.79 2.08 7.63
C THR B 78 -10.12 1.04 8.50
N MET B 79 -10.91 0.09 8.98
CA MET B 79 -10.41 -0.99 9.82
C MET B 79 -9.45 -1.85 9.01
N GLU B 80 -9.87 -2.21 7.80
CA GLU B 80 -9.02 -3.04 6.97
C GLU B 80 -7.73 -2.26 6.75
N ALA B 81 -7.86 -0.96 6.48
CA ALA B 81 -6.70 -0.12 6.27
C ALA B 81 -5.82 -0.07 7.51
N LEU B 82 -6.44 0.14 8.66
CA LEU B 82 -5.70 0.21 9.92
C LEU B 82 -5.07 -1.16 10.21
N HIS B 83 -5.83 -2.23 9.97
CA HIS B 83 -5.33 -3.56 10.19
C HIS B 83 -4.06 -3.72 9.42
N GLY B 84 -3.88 -2.88 8.40
CA GLY B 84 -2.67 -2.94 7.60
C GLY B 84 -1.53 -2.17 8.22
N VAL B 85 -1.85 -1.04 8.84
CA VAL B 85 -0.85 -0.22 9.49
C VAL B 85 -0.37 -0.86 10.79
N THR B 86 -1.25 -1.63 11.43
CA THR B 86 -0.93 -2.31 12.67
C THR B 86 -0.53 -3.73 12.30
N ARG B 87 0.45 -3.83 11.41
CA ARG B 87 0.94 -5.11 10.90
C ARG B 87 1.01 -6.16 12.00
N GLY B 88 1.97 -6.00 12.91
CA GLY B 88 2.18 -6.94 13.99
C GLY B 88 3.40 -6.58 14.82
N GLU B 89 4.43 -6.06 14.16
CA GLU B 89 5.68 -5.67 14.82
C GLU B 89 5.41 -4.33 15.53
N MET B 90 4.51 -3.55 14.92
CA MET B 90 4.06 -2.25 15.43
C MET B 90 3.12 -2.56 16.59
N LEU B 91 2.69 -3.83 16.66
CA LEU B 91 1.80 -4.28 17.71
C LEU B 91 2.63 -4.49 18.95
N LEU B 92 3.90 -4.86 18.80
CA LEU B 92 4.76 -5.03 19.97
C LEU B 92 5.10 -3.62 20.46
N GLY B 93 4.62 -2.63 19.72
CA GLY B 93 4.85 -1.25 20.08
C GLY B 93 3.66 -0.60 20.77
N SER B 94 3.43 -1.00 22.00
CA SER B 94 2.33 -0.45 22.79
C SER B 94 2.93 0.38 23.92
N LEU B 95 3.59 1.48 23.57
CA LEU B 95 4.24 2.36 24.54
C LEU B 95 4.21 3.84 24.18
N LEU B 96 3.01 4.34 23.89
CA LEU B 96 2.81 5.76 23.54
C LEU B 96 3.90 6.31 22.64
N ARG B 97 3.88 5.90 21.38
CA ARG B 97 4.89 6.36 20.45
C ARG B 97 4.41 7.51 19.57
N THR B 98 5.36 8.14 18.88
CA THR B 98 5.08 9.23 17.96
C THR B 98 4.67 8.61 16.63
N VAL B 99 3.38 8.57 16.37
CA VAL B 99 2.89 8.01 15.13
C VAL B 99 2.16 9.06 14.33
N GLY B 100 2.58 9.24 13.07
CA GLY B 100 1.95 10.24 12.23
C GLY B 100 1.30 9.64 11.00
N LEU B 101 -0.01 9.40 11.06
CA LEU B 101 -0.73 8.83 9.93
C LEU B 101 -1.35 9.91 9.06
N ARG B 102 -1.28 9.69 7.75
CA ARG B 102 -1.88 10.57 6.77
C ARG B 102 -2.89 9.69 6.06
N PHE B 103 -4.06 10.23 5.76
CA PHE B 103 -5.06 9.41 5.10
C PHE B 103 -5.69 10.11 3.91
N ALA B 104 -6.21 9.28 3.01
CA ALA B 104 -6.86 9.71 1.79
C ALA B 104 -8.12 8.88 1.70
N VAL B 105 -9.25 9.51 1.42
CA VAL B 105 -10.49 8.79 1.30
C VAL B 105 -11.04 9.14 -0.07
N LEU B 106 -11.46 8.13 -0.80
CA LEU B 106 -11.99 8.32 -2.12
C LEU B 106 -13.30 7.55 -2.21
N ARG B 107 -14.37 8.23 -2.58
CA ARG B 107 -15.67 7.60 -2.71
C ARG B 107 -16.20 7.96 -4.10
N GLY B 108 -16.56 6.95 -4.87
CA GLY B 108 -17.07 7.14 -6.21
C GLY B 108 -17.57 5.81 -6.75
N ASN B 109 -17.53 5.65 -8.06
CA ASN B 109 -18.00 4.41 -8.63
C ASN B 109 -17.01 3.77 -9.56
N PRO B 110 -16.52 2.57 -9.21
CA PRO B 110 -15.58 1.96 -10.17
C PRO B 110 -16.50 1.53 -11.31
N TYR B 111 -16.73 2.45 -12.24
CA TYR B 111 -17.60 2.18 -13.37
C TYR B 111 -16.91 1.29 -14.40
N GLU B 112 -16.69 0.02 -14.03
CA GLU B 112 -16.03 -0.96 -14.90
C GLU B 112 -16.94 -1.33 -16.07
N SER B 113 -18.15 -1.77 -15.74
CA SER B 113 -19.15 -2.14 -16.74
C SER B 113 -20.48 -1.60 -16.25
N GLU B 114 -20.94 -2.17 -15.13
CA GLU B 114 -22.21 -1.80 -14.51
C GLU B 114 -21.96 -0.80 -13.38
N ALA B 115 -23.06 -0.25 -12.88
CA ALA B 115 -22.98 0.74 -11.83
C ALA B 115 -23.94 0.29 -10.79
N GLU B 116 -23.55 -0.81 -10.18
CA GLU B 116 -24.34 -1.34 -9.12
C GLU B 116 -24.48 -0.18 -8.15
N GLY B 117 -23.36 0.34 -7.68
CA GLY B 117 -23.37 1.42 -6.72
C GLY B 117 -21.96 1.93 -6.49
N ASP B 118 -21.87 2.82 -5.51
CA ASP B 118 -20.61 3.45 -5.18
C ASP B 118 -19.69 2.60 -4.34
N TRP B 119 -18.42 2.96 -4.42
CA TRP B 119 -17.37 2.29 -3.71
C TRP B 119 -16.63 3.29 -2.83
N ILE B 120 -15.88 2.79 -1.86
CA ILE B 120 -15.15 3.69 -0.98
C ILE B 120 -13.81 3.12 -0.53
N ALA B 121 -12.75 3.87 -0.78
CA ALA B 121 -11.41 3.43 -0.44
C ALA B 121 -10.74 4.36 0.56
N VAL B 122 -9.97 3.76 1.47
CA VAL B 122 -9.26 4.50 2.50
C VAL B 122 -7.79 4.07 2.49
N SER B 123 -6.91 5.04 2.32
CA SER B 123 -5.48 4.81 2.28
C SER B 123 -4.71 5.40 3.47
N LEU B 124 -3.87 4.61 4.10
CA LEU B 124 -3.12 5.12 5.23
C LEU B 124 -1.63 5.04 5.06
N TYR B 125 -0.96 6.12 5.44
CA TYR B 125 0.48 6.14 5.37
C TYR B 125 1.00 7.06 6.44
N GLY B 126 1.99 6.58 7.17
CA GLY B 126 2.57 7.36 8.23
C GLY B 126 3.90 6.76 8.61
N THR B 127 4.51 7.31 9.65
CA THR B 127 5.79 6.80 10.08
C THR B 127 5.82 6.68 11.59
N ILE B 128 6.06 5.45 12.07
CA ILE B 128 6.14 5.17 13.50
C ILE B 128 7.57 5.32 13.98
N GLY B 129 7.76 6.06 15.06
CA GLY B 129 9.09 6.23 15.60
C GLY B 129 9.54 4.95 16.27
N ALA B 130 10.84 4.70 16.25
CA ALA B 130 11.40 3.50 16.87
C ALA B 130 11.91 3.83 18.26
N PRO B 131 11.94 2.83 19.15
CA PRO B 131 12.41 3.03 20.52
C PRO B 131 13.90 3.35 20.51
N ILE B 132 14.51 3.17 19.34
CA ILE B 132 15.92 3.44 19.13
C ILE B 132 16.03 4.80 18.47
N LYS B 133 17.02 5.58 18.88
CA LYS B 133 17.21 6.91 18.31
C LYS B 133 17.41 6.83 16.80
N GLY B 134 17.10 7.94 16.12
CA GLY B 134 17.27 8.00 14.68
C GLY B 134 16.74 6.84 13.86
N LEU B 135 15.49 6.46 14.06
CA LEU B 135 14.90 5.36 13.31
C LEU B 135 13.37 5.39 13.34
N GLU B 136 12.77 5.42 12.16
CA GLU B 136 11.33 5.45 12.02
C GLU B 136 10.90 4.32 11.08
N HIS B 137 9.75 3.73 11.33
CA HIS B 137 9.23 2.67 10.47
C HIS B 137 8.09 3.21 9.60
N GLU B 138 7.99 2.74 8.36
CA GLU B 138 6.91 3.18 7.47
C GLU B 138 5.76 2.20 7.66
N THR B 139 4.53 2.70 7.65
CA THR B 139 3.37 1.83 7.77
C THR B 139 2.45 2.13 6.58
N PHE B 140 1.76 1.12 6.10
CA PHE B 140 0.91 1.31 4.95
C PHE B 140 -0.31 0.42 5.03
N GLY B 141 -1.46 0.97 4.65
CA GLY B 141 -2.68 0.19 4.68
C GLY B 141 -3.77 0.70 3.75
N VAL B 142 -4.53 -0.22 3.18
CA VAL B 142 -5.62 0.14 2.27
C VAL B 142 -6.86 -0.68 2.57
N GLY B 143 -8.01 -0.04 2.48
CA GLY B 143 -9.26 -0.73 2.74
C GLY B 143 -10.31 -0.27 1.76
N ILE B 144 -10.85 -1.22 0.99
CA ILE B 144 -11.85 -0.89 0.01
C ILE B 144 -13.15 -1.58 0.36
N ASN B 145 -14.25 -0.86 0.22
CA ASN B 145 -15.55 -1.42 0.57
C ASN B 145 -16.63 -0.95 -0.40
N HIS B 146 -17.72 -1.69 -0.45
CA HIS B 146 -18.82 -1.31 -1.30
C HIS B 146 -19.84 -0.60 -0.42
N ILE B 147 -20.24 0.60 -0.83
CA ILE B 147 -21.22 1.35 -0.04
C ILE B 147 -22.46 0.49 0.06
#